data_7X4G
#
_entry.id   7X4G
#
_cell.length_a   132.581
_cell.length_b   132.581
_cell.length_c   132.581
_cell.angle_alpha   90.000
_cell.angle_beta   90.000
_cell.angle_gamma   90.000
#
_symmetry.space_group_name_H-M   'I 2 3'
#
loop_
_entity.id
_entity.type
_entity.pdbx_description
1 polymer ClCdnE
2 non-polymer "URIDINE 5'-TRIPHOSPHATE"
3 non-polymer 'MAGNESIUM ION'
4 water water
#
_entity_poly.entity_id   1
_entity_poly.type   'polypeptide(L)'
_entity_poly.pdbx_seq_one_letter_code
;MAKYTEDQLTSWTKPPSDSEQTKLENSEKMVREAISSDEKLSKKTIETFGQGSYANNTNVRLNSDIDINVKYSDGFYFDL
PKDKSREDFGITLTSYSYEEYKDDVENALVNKFGRSEVVRKDKCITVKENSYRVETDVVPTWDYRRYSENGNYVQGTKFK
TDKGIWIDNYPKQHIANGISKNNNTARRFKRLTRLHRKLRYKMIDDGGNVSDNITSFLLECLVWNVPNRIMNDYDTWTER
LKQSIIYLYNNTREESSCKEWGEVSELLYLFHGGRKWTSKDVNSYMVLLWNHLEFLEHHHHHH
;
_entity_poly.pdbx_strand_id   A
#
# COMPACT_ATOMS: atom_id res chain seq x y z
N ALA A 2 27.67 -14.86 2.07
CA ALA A 2 26.78 -13.70 2.12
C ALA A 2 27.19 -12.66 1.08
N LYS A 3 26.34 -12.48 0.07
CA LYS A 3 26.62 -11.49 -0.96
C LYS A 3 26.65 -10.07 -0.40
N TYR A 4 26.05 -9.86 0.76
CA TYR A 4 26.01 -8.56 1.42
C TYR A 4 26.40 -8.74 2.87
N THR A 5 27.01 -7.72 3.45
CA THR A 5 27.50 -7.85 4.81
C THR A 5 26.44 -7.38 5.78
N GLU A 6 26.69 -7.61 7.08
CA GLU A 6 25.70 -7.21 8.08
C GLU A 6 25.54 -5.70 8.12
N ASP A 7 26.63 -4.96 7.87
CA ASP A 7 26.55 -3.52 7.86
C ASP A 7 25.68 -3.02 6.71
N GLN A 8 25.83 -3.61 5.53
CA GLN A 8 25.05 -3.17 4.38
C GLN A 8 23.56 -3.43 4.58
N LEU A 9 23.21 -4.62 5.06
CA LEU A 9 21.81 -4.92 5.34
C LEU A 9 21.24 -4.00 6.41
N THR A 10 21.98 -3.82 7.51
CA THR A 10 21.53 -2.92 8.57
C THR A 10 21.29 -1.52 8.02
N SER A 11 22.20 -1.04 7.16
CA SER A 11 22.02 0.27 6.54
C SER A 11 20.76 0.29 5.69
N TRP A 12 20.49 -0.79 4.95
CA TRP A 12 19.33 -0.83 4.08
C TRP A 12 18.02 -1.06 4.84
N THR A 13 18.08 -1.29 6.15
CA THR A 13 16.87 -1.30 6.97
C THR A 13 16.38 0.10 7.33
N LYS A 14 16.97 1.16 6.76
CA LYS A 14 16.80 2.51 7.27
C LYS A 14 16.01 3.39 6.30
N PRO A 15 15.31 4.40 6.81
CA PRO A 15 14.62 5.34 5.93
C PRO A 15 15.59 6.03 5.01
N PRO A 16 15.16 6.40 3.80
CA PRO A 16 16.05 7.05 2.83
C PRO A 16 16.27 8.54 3.09
N SER A 17 15.71 9.10 4.15
CA SER A 17 15.93 10.49 4.52
C SER A 17 15.39 10.71 5.92
N ASP A 18 15.92 11.75 6.58
CA ASP A 18 15.42 12.15 7.88
C ASP A 18 14.19 13.05 7.78
N SER A 19 13.73 13.36 6.57
CA SER A 19 12.63 14.28 6.34
C SER A 19 11.41 13.62 5.73
N GLU A 20 11.28 12.29 5.87
CA GLU A 20 10.17 11.58 5.25
C GLU A 20 8.82 12.15 5.69
N GLN A 21 8.63 12.32 6.99
CA GLN A 21 7.36 12.83 7.50
C GLN A 21 7.10 14.24 6.98
N THR A 22 8.16 15.05 6.86
CA THR A 22 7.99 16.40 6.34
C THR A 22 7.45 16.36 4.91
N LYS A 23 8.02 15.50 4.07
CA LYS A 23 7.57 15.38 2.69
C LYS A 23 6.12 14.90 2.63
N LEU A 24 5.79 13.89 3.44
CA LEU A 24 4.42 13.39 3.47
C LEU A 24 3.44 14.48 3.86
N GLU A 25 3.76 15.23 4.93
CA GLU A 25 2.83 16.26 5.39
C GLU A 25 2.73 17.40 4.40
N ASN A 26 3.83 17.74 3.71
CA ASN A 26 3.77 18.77 2.69
C ASN A 26 2.86 18.36 1.54
N SER A 27 2.99 17.11 1.08
CA SER A 27 2.10 16.62 0.03
C SER A 27 0.64 16.63 0.49
N GLU A 28 0.39 16.15 1.71
CA GLU A 28 -0.98 16.16 2.24
C GLU A 28 -1.53 17.57 2.28
N LYS A 29 -0.73 18.54 2.72
CA LYS A 29 -1.23 19.90 2.85
C LYS A 29 -1.49 20.52 1.48
N MET A 30 -0.60 20.30 0.51
CA MET A 30 -0.82 20.88 -0.81
C MET A 30 -2.06 20.29 -1.48
N VAL A 31 -2.28 18.98 -1.32
CA VAL A 31 -3.49 18.38 -1.88
C VAL A 31 -4.73 18.91 -1.16
N ARG A 32 -4.66 19.03 0.17
CA ARG A 32 -5.79 19.52 0.94
C ARG A 32 -6.13 20.95 0.57
N GLU A 33 -5.11 21.76 0.25
CA GLU A 33 -5.35 23.14 -0.17
C GLU A 33 -5.93 23.19 -1.58
N ALA A 34 -5.45 22.33 -2.48
CA ALA A 34 -6.08 22.22 -3.79
C ALA A 34 -7.56 21.88 -3.66
N ILE A 35 -7.90 21.01 -2.71
CA ILE A 35 -9.30 20.67 -2.46
C ILE A 35 -10.05 21.88 -1.91
N SER A 36 -9.51 22.52 -0.87
CA SER A 36 -10.27 23.51 -0.13
C SER A 36 -10.46 24.80 -0.93
N SER A 37 -9.56 25.10 -1.86
CA SER A 37 -9.67 26.29 -2.68
C SER A 37 -10.30 26.00 -4.04
N ASP A 38 -11.08 24.91 -4.15
CA ASP A 38 -11.88 24.62 -5.32
C ASP A 38 -13.34 24.93 -5.01
N GLU A 39 -14.01 25.60 -5.95
CA GLU A 39 -15.39 26.01 -5.72
C GLU A 39 -16.31 24.81 -5.55
N LYS A 40 -16.14 23.78 -6.39
CA LYS A 40 -17.05 22.65 -6.38
C LYS A 40 -16.79 21.73 -5.18
N LEU A 41 -15.53 21.34 -4.97
CA LEU A 41 -15.23 20.29 -4.00
C LEU A 41 -15.25 20.79 -2.56
N SER A 42 -14.94 22.07 -2.34
CA SER A 42 -14.88 22.59 -0.97
C SER A 42 -16.22 22.45 -0.26
N LYS A 43 -17.33 22.44 -1.00
CA LYS A 43 -18.65 22.28 -0.43
C LYS A 43 -19.03 20.82 -0.21
N LYS A 44 -18.07 19.90 -0.30
CA LYS A 44 -18.31 18.47 -0.13
C LYS A 44 -17.38 17.92 0.93
N THR A 45 -17.88 16.95 1.69
CA THR A 45 -17.12 16.32 2.77
C THR A 45 -16.06 15.42 2.14
N ILE A 46 -14.81 15.87 2.15
CA ILE A 46 -13.71 15.18 1.50
C ILE A 46 -12.51 15.19 2.46
N GLU A 47 -12.04 14.01 2.83
CA GLU A 47 -10.91 13.88 3.74
C GLU A 47 -9.64 13.55 2.95
N THR A 48 -8.59 14.31 3.21
CA THR A 48 -7.29 14.12 2.57
C THR A 48 -6.35 13.47 3.57
N PHE A 49 -5.78 12.32 3.21
CA PHE A 49 -4.91 11.60 4.12
C PHE A 49 -3.89 10.78 3.34
N GLY A 50 -2.74 10.53 3.95
CA GLY A 50 -1.71 9.75 3.29
C GLY A 50 -2.00 8.26 3.32
N GLN A 51 -1.45 7.56 2.32
CA GLN A 51 -1.44 6.10 2.30
C GLN A 51 -0.13 5.64 1.67
N GLY A 52 0.04 4.33 1.59
CA GLY A 52 1.24 3.79 0.97
C GLY A 52 2.50 3.95 1.83
N SER A 53 3.64 3.89 1.13
CA SER A 53 4.92 3.69 1.81
C SER A 53 5.30 4.87 2.70
N TYR A 54 4.91 6.10 2.33
CA TYR A 54 5.21 7.24 3.19
C TYR A 54 4.32 7.26 4.43
N ALA A 55 3.08 6.79 4.31
CA ALA A 55 2.19 6.74 5.46
C ALA A 55 2.48 5.55 6.37
N ASN A 56 3.14 4.52 5.86
CA ASN A 56 3.54 3.37 6.65
C ASN A 56 5.01 3.44 7.05
N ASN A 57 5.68 4.55 6.75
CA ASN A 57 7.11 4.72 7.01
C ASN A 57 7.90 3.50 6.56
N THR A 58 7.59 3.04 5.35
CA THR A 58 8.28 1.90 4.75
C THR A 58 8.94 2.24 3.41
N ASN A 59 8.93 3.51 3.01
CA ASN A 59 9.59 3.90 1.77
C ASN A 59 11.09 3.70 1.88
N VAL A 60 11.71 3.32 0.76
CA VAL A 60 13.15 3.08 0.72
C VAL A 60 13.81 3.80 -0.44
N ARG A 61 13.02 4.42 -1.31
CA ARG A 61 13.54 5.16 -2.45
C ARG A 61 13.40 6.65 -2.19
N LEU A 62 14.53 7.36 -2.20
CA LEU A 62 14.53 8.78 -1.91
C LEU A 62 13.66 9.55 -2.91
N ASN A 63 12.69 10.28 -2.38
CA ASN A 63 11.75 11.07 -3.19
C ASN A 63 11.05 10.20 -4.23
N SER A 64 10.64 9.01 -3.82
CA SER A 64 9.67 8.25 -4.60
C SER A 64 8.27 8.82 -4.37
N ASP A 65 7.33 8.40 -5.21
CA ASP A 65 5.99 8.98 -5.18
C ASP A 65 5.37 8.83 -3.78
N ILE A 66 4.69 9.89 -3.34
CA ILE A 66 3.89 9.86 -2.13
C ILE A 66 2.45 9.68 -2.54
N ASP A 67 1.74 8.76 -1.89
CA ASP A 67 0.34 8.50 -2.19
C ASP A 67 -0.56 9.25 -1.23
N ILE A 68 -1.42 10.10 -1.78
CA ILE A 68 -2.33 10.92 -1.00
C ILE A 68 -3.74 10.58 -1.45
N ASN A 69 -4.52 9.98 -0.55
CA ASN A 69 -5.91 9.67 -0.82
C ASN A 69 -6.79 10.88 -0.53
N VAL A 70 -7.75 11.12 -1.43
CA VAL A 70 -8.79 12.13 -1.23
C VAL A 70 -10.12 11.39 -1.29
N LYS A 71 -10.77 11.26 -0.14
CA LYS A 71 -11.89 10.35 0.04
C LYS A 71 -13.16 11.16 0.26
N TYR A 72 -14.09 11.02 -0.68
CA TYR A 72 -15.41 11.63 -0.57
C TYR A 72 -16.29 10.75 0.31
N SER A 73 -17.03 11.37 1.23
CA SER A 73 -17.82 10.59 2.18
C SER A 73 -19.23 11.15 2.37
N ASP A 74 -19.72 11.97 1.43
CA ASP A 74 -21.11 12.39 1.50
C ASP A 74 -22.06 11.28 1.06
N GLY A 75 -21.53 10.25 0.39
CA GLY A 75 -22.28 9.05 0.06
C GLY A 75 -21.34 7.89 -0.11
N PHE A 76 -21.67 6.72 0.43
CA PHE A 76 -20.77 5.59 0.46
C PHE A 76 -21.33 4.41 -0.34
N TYR A 77 -20.46 3.77 -1.12
CA TYR A 77 -20.78 2.46 -1.64
C TYR A 77 -20.79 1.44 -0.51
N PHE A 78 -21.55 0.36 -0.69
CA PHE A 78 -21.52 -0.69 0.32
C PHE A 78 -21.84 -2.03 -0.32
N ASP A 79 -21.55 -3.08 0.46
CA ASP A 79 -21.77 -4.47 0.06
C ASP A 79 -22.41 -5.20 1.24
N LEU A 80 -23.45 -5.98 0.94
CA LEU A 80 -24.21 -6.71 1.93
C LEU A 80 -24.11 -8.21 1.67
N PRO A 81 -24.27 -9.04 2.70
CA PRO A 81 -24.34 -10.49 2.48
C PRO A 81 -25.54 -10.86 1.61
N LYS A 82 -25.52 -12.10 1.12
CA LYS A 82 -26.56 -12.56 0.21
C LYS A 82 -27.91 -12.70 0.89
N ASP A 83 -27.93 -12.85 2.22
CA ASP A 83 -29.16 -13.05 2.97
C ASP A 83 -29.71 -11.75 3.56
N LYS A 84 -29.37 -10.61 2.95
CA LYS A 84 -29.85 -9.32 3.39
C LYS A 84 -30.34 -8.52 2.19
N SER A 85 -31.43 -7.78 2.39
CA SER A 85 -31.97 -6.91 1.35
C SER A 85 -31.27 -5.57 1.37
N ARG A 86 -31.08 -4.99 0.18
CA ARG A 86 -30.52 -3.65 0.12
C ARG A 86 -31.57 -2.60 0.47
N GLU A 87 -32.82 -2.83 0.06
CA GLU A 87 -33.90 -1.90 0.40
C GLU A 87 -34.07 -1.78 1.91
N ASP A 88 -34.05 -2.91 2.61
CA ASP A 88 -34.22 -2.89 4.06
C ASP A 88 -33.12 -2.10 4.76
N PHE A 89 -31.91 -2.09 4.20
CA PHE A 89 -30.80 -1.39 4.83
C PHE A 89 -30.96 0.12 4.75
N GLY A 90 -31.55 0.63 3.67
CA GLY A 90 -31.62 2.05 3.44
C GLY A 90 -30.88 2.45 2.18
N ILE A 91 -31.62 2.94 1.18
CA ILE A 91 -31.07 3.26 -0.13
C ILE A 91 -31.02 4.77 -0.30
N THR A 92 -30.00 5.24 -1.00
CA THR A 92 -29.85 6.65 -1.32
C THR A 92 -29.43 6.79 -2.77
N LEU A 93 -30.14 7.64 -3.51
CA LEU A 93 -29.82 7.94 -4.89
C LEU A 93 -29.19 9.32 -4.97
N THR A 94 -28.19 9.48 -5.83
CA THR A 94 -27.49 10.74 -5.95
C THR A 94 -27.05 10.94 -7.40
N SER A 95 -27.09 12.20 -7.85
CA SER A 95 -26.62 12.55 -9.18
C SER A 95 -25.12 12.60 -9.29
N TYR A 96 -24.40 12.54 -8.17
CA TYR A 96 -22.95 12.52 -8.18
C TYR A 96 -22.44 11.10 -8.40
N SER A 97 -21.35 10.99 -9.16
CA SER A 97 -20.76 9.70 -9.49
C SER A 97 -19.26 9.79 -9.24
N TYR A 98 -18.60 8.62 -9.22
CA TYR A 98 -17.16 8.61 -9.03
C TYR A 98 -16.42 9.25 -10.21
N GLU A 99 -16.93 9.05 -11.42
CA GLU A 99 -16.28 9.63 -12.60
C GLU A 99 -16.23 11.15 -12.48
N GLU A 100 -17.35 11.77 -12.11
CA GLU A 100 -17.39 13.21 -11.94
C GLU A 100 -16.49 13.64 -10.79
N TYR A 101 -16.42 12.85 -9.73
CA TYR A 101 -15.55 13.18 -8.60
C TYR A 101 -14.09 13.21 -9.02
N LYS A 102 -13.65 12.19 -9.77
CA LYS A 102 -12.26 12.17 -10.22
C LYS A 102 -11.97 13.31 -11.19
N ASP A 103 -12.94 13.62 -12.06
CA ASP A 103 -12.77 14.76 -12.95
C ASP A 103 -12.64 16.06 -12.16
N ASP A 104 -13.45 16.23 -11.12
CA ASP A 104 -13.39 17.42 -10.28
C ASP A 104 -12.04 17.51 -9.57
N VAL A 105 -11.55 16.39 -9.04
CA VAL A 105 -10.27 16.40 -8.34
C VAL A 105 -9.15 16.76 -9.31
N GLU A 106 -9.19 16.19 -10.51
CA GLU A 106 -8.19 16.58 -11.52
C GLU A 106 -8.29 18.05 -11.86
N ASN A 107 -9.51 18.61 -11.83
CA ASN A 107 -9.69 20.02 -12.11
C ASN A 107 -9.05 20.87 -11.03
N ALA A 108 -9.34 20.56 -9.77
CA ALA A 108 -8.75 21.30 -8.66
C ALA A 108 -7.23 21.21 -8.67
N LEU A 109 -6.69 20.03 -8.99
CA LEU A 109 -5.24 19.88 -9.05
C LEU A 109 -4.65 20.73 -10.16
N VAL A 110 -5.28 20.74 -11.33
CA VAL A 110 -4.81 21.59 -12.42
C VAL A 110 -4.86 23.05 -12.01
N ASN A 111 -5.97 23.47 -11.38
CA ASN A 111 -6.09 24.86 -10.92
C ASN A 111 -4.94 25.23 -9.99
N LYS A 112 -4.65 24.38 -9.00
CA LYS A 112 -3.62 24.74 -8.03
C LYS A 112 -2.22 24.68 -8.64
N PHE A 113 -1.94 23.67 -9.46
CA PHE A 113 -0.57 23.40 -9.88
C PHE A 113 -0.31 23.57 -11.37
N GLY A 114 -1.33 23.79 -12.20
CA GLY A 114 -1.10 23.94 -13.62
C GLY A 114 -1.21 22.65 -14.40
N ARG A 115 -1.77 22.72 -15.61
CA ARG A 115 -2.03 21.51 -16.39
C ARG A 115 -0.74 20.79 -16.74
N SER A 116 0.34 21.53 -17.00
CA SER A 116 1.59 20.87 -17.37
C SER A 116 2.18 20.07 -16.21
N GLU A 117 1.75 20.33 -14.98
CA GLU A 117 2.26 19.65 -13.81
C GLU A 117 1.39 18.47 -13.38
N VAL A 118 0.20 18.32 -13.95
CA VAL A 118 -0.76 17.31 -13.53
C VAL A 118 -0.98 16.32 -14.67
N VAL A 119 -0.91 15.03 -14.36
CA VAL A 119 -0.96 13.94 -15.35
C VAL A 119 -1.97 12.92 -14.86
N ARG A 120 -3.14 12.86 -15.50
CA ARG A 120 -4.12 11.84 -15.18
C ARG A 120 -3.60 10.45 -15.54
N LYS A 121 -3.87 9.48 -14.66
CA LYS A 121 -3.44 8.10 -14.87
C LYS A 121 -4.59 7.16 -14.58
N ASP A 122 -4.34 5.86 -14.76
CA ASP A 122 -5.39 4.86 -14.66
C ASP A 122 -6.01 4.81 -13.26
N LYS A 123 -5.17 4.77 -12.23
CA LYS A 123 -5.66 4.64 -10.86
C LYS A 123 -5.39 5.86 -10.00
N CYS A 124 -4.82 6.93 -10.55
CA CYS A 124 -4.50 8.11 -9.75
C CYS A 124 -4.28 9.30 -10.67
N ILE A 125 -3.91 10.42 -10.07
CA ILE A 125 -3.63 11.66 -10.76
C ILE A 125 -2.31 12.18 -10.19
N THR A 126 -1.28 12.26 -11.03
CA THR A 126 0.07 12.55 -10.58
C THR A 126 0.35 14.05 -10.68
N VAL A 127 0.85 14.61 -9.58
CA VAL A 127 1.34 15.98 -9.52
C VAL A 127 2.86 15.90 -9.53
N LYS A 128 3.48 16.60 -10.49
CA LYS A 128 4.87 16.38 -10.79
C LYS A 128 5.76 17.05 -9.75
N GLU A 129 6.93 16.46 -9.55
CA GLU A 129 7.86 16.99 -8.56
C GLU A 129 8.66 18.17 -9.07
N ASN A 130 8.82 19.16 -8.19
CA ASN A 130 9.69 20.30 -8.44
C ASN A 130 10.78 20.26 -7.39
N SER A 131 11.36 21.41 -7.06
CA SER A 131 12.41 21.43 -6.04
C SER A 131 11.86 21.48 -4.62
N TYR A 132 10.56 21.73 -4.44
CA TYR A 132 9.96 21.81 -3.13
C TYR A 132 8.97 20.70 -2.80
N ARG A 133 8.43 20.00 -3.79
CA ARG A 133 7.45 18.96 -3.53
C ARG A 133 7.88 17.67 -4.19
N VAL A 134 7.62 16.55 -3.50
CA VAL A 134 7.80 15.23 -4.09
C VAL A 134 6.67 14.96 -5.08
N GLU A 135 6.96 14.17 -6.10
CA GLU A 135 5.91 13.70 -7.00
C GLU A 135 4.84 12.97 -6.20
N THR A 136 3.58 13.37 -6.40
CA THR A 136 2.49 12.92 -5.54
C THR A 136 1.39 12.28 -6.39
N ASP A 137 1.04 11.04 -6.05
CA ASP A 137 -0.10 10.37 -6.65
C ASP A 137 -1.34 10.64 -5.80
N VAL A 138 -2.22 11.49 -6.30
CA VAL A 138 -3.51 11.77 -5.66
C VAL A 138 -4.50 10.71 -6.10
N VAL A 139 -5.10 10.03 -5.13
CA VAL A 139 -5.97 8.89 -5.37
C VAL A 139 -7.37 9.26 -4.91
N PRO A 140 -8.26 9.60 -5.83
CA PRO A 140 -9.65 9.92 -5.45
C PRO A 140 -10.41 8.63 -5.17
N THR A 141 -11.02 8.56 -3.99
CA THR A 141 -11.82 7.40 -3.59
C THR A 141 -13.11 7.87 -2.94
N TRP A 142 -14.03 6.93 -2.77
CA TRP A 142 -15.29 7.14 -2.06
C TRP A 142 -15.34 6.23 -0.84
N ASP A 143 -16.14 6.65 0.13
CA ASP A 143 -16.38 5.83 1.31
C ASP A 143 -17.03 4.51 0.91
N TYR A 144 -16.63 3.44 1.60
CA TYR A 144 -17.10 2.10 1.27
C TYR A 144 -17.32 1.31 2.55
N ARG A 145 -18.44 0.60 2.61
CA ARG A 145 -18.78 -0.24 3.75
C ARG A 145 -18.98 -1.67 3.28
N ARG A 146 -18.42 -2.62 4.02
CA ARG A 146 -18.68 -4.04 3.78
C ARG A 146 -19.29 -4.62 5.06
N TYR A 147 -20.53 -5.11 4.95
CA TYR A 147 -21.23 -5.64 6.11
C TYR A 147 -21.08 -7.16 6.19
N SER A 148 -21.02 -7.66 7.42
CA SER A 148 -20.95 -9.09 7.70
C SER A 148 -22.31 -9.57 8.23
N GLU A 149 -22.36 -10.83 8.64
CA GLU A 149 -23.63 -11.43 9.03
C GLU A 149 -24.19 -10.77 10.28
N ASN A 150 -23.33 -10.40 11.22
CA ASN A 150 -23.73 -9.90 12.53
C ASN A 150 -24.27 -8.46 12.50
N GLY A 151 -24.24 -7.79 11.36
CA GLY A 151 -24.65 -6.40 11.26
C GLY A 151 -23.53 -5.38 11.35
N ASN A 152 -22.37 -5.76 11.88
CA ASN A 152 -21.22 -4.87 11.90
C ASN A 152 -20.70 -4.68 10.47
N TYR A 153 -20.08 -3.53 10.24
CA TYR A 153 -19.46 -3.24 8.96
C TYR A 153 -18.00 -2.87 9.17
N VAL A 154 -17.21 -3.04 8.11
CA VAL A 154 -15.87 -2.49 8.03
C VAL A 154 -15.86 -1.38 6.99
N GLN A 155 -15.12 -0.31 7.29
CA GLN A 155 -15.10 0.88 6.46
C GLN A 155 -13.77 0.97 5.72
N GLY A 156 -13.83 1.40 4.47
CA GLY A 156 -12.66 1.53 3.65
C GLY A 156 -12.92 2.46 2.48
N THR A 157 -12.07 2.37 1.48
CA THR A 157 -12.16 3.19 0.28
C THR A 157 -12.53 2.34 -0.92
N LYS A 158 -13.18 2.95 -1.89
CA LYS A 158 -13.51 2.28 -3.14
C LYS A 158 -13.36 3.28 -4.28
N PHE A 159 -12.86 2.80 -5.42
CA PHE A 159 -12.75 3.68 -6.57
C PHE A 159 -12.82 2.86 -7.86
N LYS A 160 -12.90 3.57 -8.98
CA LYS A 160 -12.97 2.95 -10.29
C LYS A 160 -11.82 3.43 -11.15
N THR A 161 -11.05 2.48 -11.69
CA THR A 161 -9.98 2.85 -12.61
C THR A 161 -10.57 3.41 -13.90
N ASP A 162 -9.72 4.16 -14.62
CA ASP A 162 -10.15 4.69 -15.91
C ASP A 162 -10.57 3.58 -16.87
N LYS A 163 -9.94 2.40 -16.75
CA LYS A 163 -10.32 1.25 -17.57
C LYS A 163 -11.58 0.54 -17.07
N GLY A 164 -12.25 1.07 -16.04
CA GLY A 164 -13.53 0.56 -15.62
C GLY A 164 -13.52 -0.49 -14.52
N ILE A 165 -12.37 -0.77 -13.92
CA ILE A 165 -12.26 -1.77 -12.87
C ILE A 165 -12.52 -1.11 -11.52
N TRP A 166 -13.38 -1.73 -10.71
CA TRP A 166 -13.69 -1.24 -9.38
C TRP A 166 -12.79 -1.93 -8.35
N ILE A 167 -12.18 -1.12 -7.49
CA ILE A 167 -11.19 -1.59 -6.53
C ILE A 167 -11.60 -1.15 -5.14
N ASP A 168 -11.48 -2.06 -4.18
CA ASP A 168 -11.71 -1.79 -2.76
C ASP A 168 -10.39 -1.82 -2.03
N ASN A 169 -10.18 -0.87 -1.12
CA ASN A 169 -8.98 -0.81 -0.32
C ASN A 169 -9.35 -0.54 1.14
N TYR A 170 -8.39 -0.80 2.01
CA TYR A 170 -8.54 -0.54 3.45
C TYR A 170 -7.24 0.09 3.95
N PRO A 171 -6.98 1.34 3.56
CA PRO A 171 -5.67 1.93 3.91
C PRO A 171 -5.52 2.25 5.38
N LYS A 172 -6.59 2.71 6.03
CA LYS A 172 -6.49 3.09 7.43
C LYS A 172 -6.20 1.88 8.31
N GLN A 173 -6.94 0.78 8.13
CA GLN A 173 -6.65 -0.44 8.87
C GLN A 173 -5.27 -0.98 8.52
N HIS A 174 -4.84 -0.82 7.27
CA HIS A 174 -3.48 -1.20 6.87
C HIS A 174 -2.45 -0.49 7.72
N ILE A 175 -2.55 0.84 7.80
CA ILE A 175 -1.59 1.63 8.56
C ILE A 175 -1.65 1.26 10.04
N ALA A 176 -2.87 1.18 10.58
CA ALA A 176 -3.03 0.82 11.99
C ALA A 176 -2.37 -0.51 12.31
N ASN A 177 -2.62 -1.53 11.49
CA ASN A 177 -2.08 -2.85 11.75
C ASN A 177 -0.56 -2.85 11.63
N GLY A 178 -0.02 -2.17 10.62
CA GLY A 178 1.42 -2.07 10.50
C GLY A 178 2.06 -1.41 11.70
N ILE A 179 1.41 -0.37 12.25
CA ILE A 179 1.91 0.29 13.45
C ILE A 179 1.88 -0.66 14.64
N SER A 180 0.77 -1.39 14.81
CA SER A 180 0.67 -2.36 15.89
C SER A 180 1.79 -3.38 15.82
N LYS A 181 2.00 -3.97 14.63
CA LYS A 181 3.03 -4.98 14.49
C LYS A 181 4.42 -4.39 14.73
N ASN A 182 4.66 -3.16 14.26
CA ASN A 182 5.94 -2.53 14.50
C ASN A 182 6.18 -2.32 15.99
N ASN A 183 5.15 -1.92 16.73
CA ASN A 183 5.26 -1.81 18.18
C ASN A 183 5.60 -3.15 18.80
N ASN A 184 4.86 -4.20 18.42
CA ASN A 184 5.07 -5.52 19.02
C ASN A 184 6.32 -6.23 18.51
N THR A 185 7.07 -5.63 17.59
CA THR A 185 8.33 -6.20 17.14
C THR A 185 9.52 -5.32 17.48
N ALA A 186 9.34 -4.32 18.35
CA ALA A 186 10.39 -3.35 18.67
C ALA A 186 10.90 -2.65 17.42
N ARG A 187 9.96 -2.24 16.56
CA ARG A 187 10.24 -1.48 15.34
C ARG A 187 11.10 -2.28 14.36
N ARG A 188 11.03 -3.60 14.41
CA ARG A 188 11.77 -4.45 13.50
C ARG A 188 10.97 -4.85 12.27
N PHE A 189 9.64 -4.91 12.39
CA PHE A 189 8.79 -5.24 11.25
C PHE A 189 9.05 -4.32 10.07
N LYS A 190 8.96 -3.01 10.29
CA LYS A 190 9.10 -2.07 9.18
C LYS A 190 10.54 -1.98 8.71
N ARG A 191 11.52 -2.23 9.58
CA ARG A 191 12.90 -2.32 9.10
C ARG A 191 13.10 -3.51 8.17
N LEU A 192 12.52 -4.66 8.51
CA LEU A 192 12.61 -5.82 7.64
C LEU A 192 11.85 -5.58 6.33
N THR A 193 10.72 -4.88 6.40
CA THR A 193 10.01 -4.50 5.18
C THR A 193 10.87 -3.61 4.30
N ARG A 194 11.56 -2.64 4.90
CA ARG A 194 12.46 -1.79 4.13
C ARG A 194 13.58 -2.61 3.50
N LEU A 195 14.13 -3.55 4.27
CA LEU A 195 15.22 -4.38 3.74
C LEU A 195 14.74 -5.19 2.55
N HIS A 196 13.55 -5.77 2.63
CA HIS A 196 13.04 -6.57 1.53
C HIS A 196 12.77 -5.71 0.29
N ARG A 197 12.18 -4.53 0.49
CA ARG A 197 11.93 -3.63 -0.64
C ARG A 197 13.23 -3.24 -1.32
N LYS A 198 14.22 -2.83 -0.51
CA LYS A 198 15.53 -2.45 -1.06
C LYS A 198 16.17 -3.61 -1.80
N LEU A 199 16.08 -4.83 -1.25
CA LEU A 199 16.69 -5.98 -1.92
C LEU A 199 16.02 -6.24 -3.26
N ARG A 200 14.69 -6.13 -3.31
CA ARG A 200 13.99 -6.27 -4.59
C ARG A 200 14.51 -5.24 -5.59
N TYR A 201 14.69 -3.99 -5.16
CA TYR A 201 15.17 -2.98 -6.09
C TYR A 201 16.59 -3.29 -6.56
N LYS A 202 17.48 -3.69 -5.65
CA LYS A 202 18.84 -4.03 -6.06
C LYS A 202 18.83 -5.16 -7.09
N MET A 203 18.08 -6.22 -6.80
CA MET A 203 18.00 -7.34 -7.74
C MET A 203 17.53 -6.89 -9.11
N ILE A 204 16.51 -6.02 -9.16
CA ILE A 204 16.05 -5.52 -10.45
C ILE A 204 17.10 -4.65 -11.12
N ASP A 205 17.93 -3.93 -10.33
CA ASP A 205 18.87 -3.00 -10.92
C ASP A 205 20.09 -3.68 -11.54
N ASP A 206 20.70 -4.63 -10.84
CA ASP A 206 21.90 -5.27 -11.38
C ASP A 206 21.60 -6.36 -12.41
N GLY A 207 20.36 -6.50 -12.85
CA GLY A 207 20.03 -7.33 -14.01
C GLY A 207 19.17 -8.54 -13.70
N GLY A 208 18.92 -8.83 -12.43
CA GLY A 208 18.15 -10.01 -12.07
C GLY A 208 16.77 -10.04 -12.71
N ASN A 209 16.22 -11.24 -12.79
CA ASN A 209 14.93 -11.47 -13.45
C ASN A 209 13.85 -11.58 -12.38
N VAL A 210 13.31 -10.43 -11.99
CA VAL A 210 12.26 -10.35 -10.98
C VAL A 210 10.92 -10.21 -11.67
N SER A 211 9.95 -11.03 -11.29
CA SER A 211 8.63 -10.98 -11.89
C SER A 211 7.97 -9.63 -11.63
N ASP A 212 7.25 -9.13 -12.65
CA ASP A 212 6.48 -7.91 -12.49
C ASP A 212 5.32 -8.06 -11.51
N ASN A 213 4.95 -9.31 -11.19
CA ASN A 213 3.86 -9.55 -10.25
C ASN A 213 4.26 -9.26 -8.81
N ILE A 214 5.55 -9.24 -8.50
CA ILE A 214 6.01 -8.95 -7.15
C ILE A 214 6.07 -7.44 -6.98
N THR A 215 5.05 -6.87 -6.34
CA THR A 215 4.96 -5.44 -6.09
C THR A 215 5.48 -5.11 -4.69
N SER A 216 5.62 -3.80 -4.44
CA SER A 216 6.03 -3.36 -3.12
C SER A 216 4.95 -3.63 -2.08
N PHE A 217 3.69 -3.37 -2.44
CA PHE A 217 2.57 -3.71 -1.58
C PHE A 217 2.56 -5.19 -1.24
N LEU A 218 2.89 -6.04 -2.23
CA LEU A 218 2.94 -7.49 -1.98
C LEU A 218 4.05 -7.84 -1.01
N LEU A 219 5.25 -7.27 -1.21
CA LEU A 219 6.36 -7.51 -0.29
C LEU A 219 5.98 -7.08 1.13
N GLU A 220 5.32 -5.93 1.26
CA GLU A 220 4.90 -5.47 2.58
C GLU A 220 3.91 -6.45 3.20
N CYS A 221 2.95 -6.94 2.42
CA CYS A 221 1.98 -7.91 2.95
C CYS A 221 2.66 -9.22 3.34
N LEU A 222 3.71 -9.59 2.63
CA LEU A 222 4.42 -10.83 2.95
C LEU A 222 5.18 -10.66 4.26
N VAL A 223 5.91 -9.56 4.41
CA VAL A 223 6.64 -9.35 5.65
C VAL A 223 5.66 -9.21 6.82
N TRP A 224 4.51 -8.58 6.57
CA TRP A 224 3.43 -8.55 7.55
C TRP A 224 3.06 -9.95 7.99
N ASN A 225 3.01 -10.89 7.04
CA ASN A 225 2.59 -12.25 7.36
C ASN A 225 3.70 -13.09 8.02
N VAL A 226 4.92 -12.56 8.11
CA VAL A 226 5.98 -13.25 8.83
C VAL A 226 5.75 -13.09 10.33
N PRO A 227 5.72 -14.18 11.10
CA PRO A 227 5.40 -14.06 12.53
C PRO A 227 6.45 -13.28 13.29
N ASN A 228 5.99 -12.60 14.34
CA ASN A 228 6.86 -11.71 15.11
C ASN A 228 8.08 -12.42 15.66
N ARG A 229 7.97 -13.72 15.98
CA ARG A 229 9.09 -14.43 16.59
C ARG A 229 10.33 -14.42 15.71
N ILE A 230 10.15 -14.42 14.38
CA ILE A 230 11.30 -14.44 13.48
C ILE A 230 12.06 -13.12 13.56
N MET A 231 11.37 -12.03 13.90
CA MET A 231 12.01 -10.73 14.06
C MET A 231 12.55 -10.53 15.48
N ASN A 232 11.83 -11.04 16.48
CA ASN A 232 12.20 -10.83 17.87
C ASN A 232 13.32 -11.75 18.32
N ASP A 233 13.30 -13.02 17.89
CA ASP A 233 14.14 -14.06 18.46
C ASP A 233 15.43 -14.27 17.67
N TYR A 234 15.90 -13.26 16.95
CA TYR A 234 17.19 -13.33 16.29
C TYR A 234 17.93 -12.02 16.50
N ASP A 235 19.25 -12.06 16.31
CA ASP A 235 20.12 -11.00 16.79
C ASP A 235 20.84 -10.22 15.71
N THR A 236 20.92 -10.73 14.48
CA THR A 236 21.47 -9.98 13.37
C THR A 236 20.44 -9.88 12.24
N TRP A 237 20.62 -8.89 11.37
CA TRP A 237 19.69 -8.74 10.25
C TRP A 237 19.91 -9.79 9.18
N THR A 238 21.15 -10.28 9.03
CA THR A 238 21.38 -11.40 8.12
C THR A 238 20.52 -12.60 8.50
N GLU A 239 20.46 -12.91 9.79
CA GLU A 239 19.71 -14.08 10.23
C GLU A 239 18.20 -13.84 10.15
N ARG A 240 17.74 -12.65 10.53
CA ARG A 240 16.31 -12.35 10.42
C ARG A 240 15.84 -12.43 8.97
N LEU A 241 16.65 -11.89 8.04
CA LEU A 241 16.32 -11.97 6.63
C LEU A 241 16.30 -13.42 6.14
N LYS A 242 17.36 -14.18 6.47
CA LYS A 242 17.42 -15.59 6.12
C LYS A 242 16.17 -16.33 6.59
N GLN A 243 15.81 -16.14 7.86
CA GLN A 243 14.68 -16.86 8.44
C GLN A 243 13.35 -16.44 7.82
N SER A 244 13.19 -15.14 7.54
CA SER A 244 11.95 -14.69 6.90
C SER A 244 11.81 -15.30 5.51
N ILE A 245 12.91 -15.34 4.75
CA ILE A 245 12.86 -15.98 3.44
C ILE A 245 12.51 -17.45 3.57
N ILE A 246 13.10 -18.13 4.55
CA ILE A 246 12.82 -19.55 4.77
C ILE A 246 11.34 -19.75 5.07
N TYR A 247 10.78 -18.89 5.92
CA TYR A 247 9.37 -19.02 6.30
C TYR A 247 8.46 -18.81 5.09
N LEU A 248 8.70 -17.74 4.34
CA LEU A 248 7.84 -17.43 3.20
C LEU A 248 7.94 -18.52 2.14
N TYR A 249 9.16 -18.96 1.83
CA TYR A 249 9.34 -20.08 0.91
C TYR A 249 8.56 -21.30 1.37
N ASN A 250 8.81 -21.75 2.60
CA ASN A 250 8.17 -22.96 3.10
C ASN A 250 6.65 -22.87 3.02
N ASN A 251 6.08 -21.72 3.42
CA ASN A 251 4.64 -21.60 3.47
C ASN A 251 4.03 -21.14 2.15
N THR A 252 4.83 -21.03 1.09
CA THR A 252 4.28 -20.82 -0.24
C THR A 252 4.53 -21.98 -1.19
N ARG A 253 5.01 -23.12 -0.69
CA ARG A 253 5.19 -24.27 -1.57
C ARG A 253 3.86 -24.91 -1.95
N GLU A 254 2.89 -24.89 -1.04
CA GLU A 254 1.55 -25.41 -1.29
C GLU A 254 0.53 -24.33 -0.99
N GLU A 255 -0.44 -24.15 -1.89
CA GLU A 255 -1.46 -23.12 -1.72
C GLU A 255 -2.25 -23.29 -0.43
N SER A 256 -2.34 -24.51 0.11
CA SER A 256 -3.08 -24.73 1.35
C SER A 256 -2.42 -24.00 2.52
N SER A 257 -1.10 -23.89 2.52
CA SER A 257 -0.38 -23.29 3.64
C SER A 257 -0.66 -21.80 3.77
N CYS A 258 -1.05 -21.12 2.68
CA CYS A 258 -1.12 -19.67 2.68
C CYS A 258 -2.41 -19.10 2.09
N LYS A 259 -3.38 -19.94 1.73
CA LYS A 259 -4.59 -19.43 1.10
C LYS A 259 -5.43 -18.58 2.05
N GLU A 260 -5.16 -18.66 3.36
CA GLU A 260 -5.90 -17.89 4.34
C GLU A 260 -5.21 -16.58 4.73
N TRP A 261 -3.94 -16.40 4.36
CA TRP A 261 -3.26 -15.15 4.64
C TRP A 261 -4.02 -13.97 4.05
N GLY A 262 -4.04 -12.86 4.78
CA GLY A 262 -4.60 -11.62 4.29
C GLY A 262 -3.53 -10.55 4.11
N GLU A 263 -3.96 -9.44 3.53
CA GLU A 263 -3.10 -8.26 3.43
C GLU A 263 -2.95 -7.62 4.81
N VAL A 264 -2.23 -6.51 4.86
CA VAL A 264 -1.92 -5.88 6.14
C VAL A 264 -3.20 -5.46 6.86
N SER A 265 -4.20 -5.02 6.08
CA SER A 265 -5.47 -4.62 6.68
C SER A 265 -6.21 -5.80 7.30
N GLU A 266 -5.87 -7.03 6.90
CA GLU A 266 -6.55 -8.25 7.33
C GLU A 266 -8.04 -8.24 6.99
N LEU A 267 -8.44 -7.38 6.04
CA LEU A 267 -9.82 -7.33 5.59
C LEU A 267 -9.98 -7.84 4.16
N LEU A 268 -8.90 -8.27 3.53
CA LEU A 268 -8.93 -8.88 2.21
C LEU A 268 -7.90 -9.99 2.17
N TYR A 269 -8.20 -11.04 1.40
CA TYR A 269 -7.28 -12.16 1.28
C TYR A 269 -6.11 -11.81 0.35
N LEU A 270 -4.96 -12.41 0.64
CA LEU A 270 -3.78 -12.20 -0.19
C LEU A 270 -3.77 -13.03 -1.46
N PHE A 271 -4.36 -14.24 -1.44
CA PHE A 271 -4.32 -15.12 -2.60
C PHE A 271 -5.70 -15.71 -2.93
N HIS A 272 -6.68 -14.85 -3.15
CA HIS A 272 -8.04 -15.31 -3.43
C HIS A 272 -8.56 -14.78 -4.75
N GLY A 273 -7.70 -14.75 -5.77
CA GLY A 273 -8.10 -14.26 -7.08
C GLY A 273 -8.20 -12.74 -7.11
N GLY A 274 -8.30 -12.18 -8.31
CA GLY A 274 -8.29 -10.73 -8.46
C GLY A 274 -6.95 -10.08 -8.21
N ARG A 275 -5.93 -10.83 -7.83
CA ARG A 275 -4.60 -10.32 -7.59
C ARG A 275 -3.72 -10.58 -8.81
N LYS A 276 -2.78 -9.67 -9.05
CA LYS A 276 -1.87 -9.84 -10.17
C LYS A 276 -0.75 -10.83 -9.87
N TRP A 277 -0.69 -11.35 -8.65
CA TRP A 277 0.32 -12.32 -8.24
C TRP A 277 -0.34 -13.65 -7.88
N THR A 278 0.51 -14.64 -7.64
CA THR A 278 0.09 -15.94 -7.14
C THR A 278 1.04 -16.36 -6.03
N SER A 279 0.65 -17.38 -5.27
CA SER A 279 1.55 -17.91 -4.25
C SER A 279 2.77 -18.58 -4.89
N LYS A 280 2.60 -19.15 -6.08
CA LYS A 280 3.74 -19.71 -6.80
C LYS A 280 4.69 -18.60 -7.25
N ASP A 281 4.15 -17.43 -7.61
CA ASP A 281 4.98 -16.27 -7.88
C ASP A 281 5.82 -15.90 -6.66
N VAL A 282 5.20 -15.86 -5.48
CA VAL A 282 5.92 -15.52 -4.27
C VAL A 282 7.00 -16.56 -3.98
N ASN A 283 6.68 -17.84 -4.20
CA ASN A 283 7.66 -18.90 -3.95
C ASN A 283 8.85 -18.78 -4.90
N SER A 284 8.59 -18.55 -6.19
CA SER A 284 9.67 -18.33 -7.14
C SER A 284 10.51 -17.12 -6.75
N TYR A 285 9.86 -16.04 -6.29
CA TYR A 285 10.63 -14.86 -5.88
C TYR A 285 11.50 -15.16 -4.68
N MET A 286 10.99 -15.94 -3.72
CA MET A 286 11.79 -16.32 -2.57
C MET A 286 12.99 -17.16 -3.00
N VAL A 287 12.80 -18.06 -3.95
CA VAL A 287 13.91 -18.85 -4.47
C VAL A 287 14.95 -17.95 -5.11
N LEU A 288 14.50 -17.01 -5.96
CA LEU A 288 15.42 -16.10 -6.64
C LEU A 288 16.20 -15.25 -5.64
N LEU A 289 15.52 -14.73 -4.62
CA LEU A 289 16.18 -13.91 -3.62
C LEU A 289 17.17 -14.72 -2.80
N TRP A 290 16.79 -15.94 -2.43
CA TRP A 290 17.69 -16.83 -1.69
C TRP A 290 18.96 -17.11 -2.50
N ASN A 291 18.81 -17.42 -3.78
CA ASN A 291 19.98 -17.69 -4.61
C ASN A 291 20.79 -16.42 -4.86
N HIS A 292 20.16 -15.25 -4.79
CA HIS A 292 20.91 -14.00 -4.93
C HIS A 292 21.74 -13.73 -3.67
N LEU A 293 21.21 -14.05 -2.49
CA LEU A 293 21.88 -13.67 -1.26
C LEU A 293 23.12 -14.52 -0.97
N GLU A 294 23.16 -15.76 -1.46
CA GLU A 294 24.32 -16.64 -1.32
C GLU A 294 24.70 -16.84 0.15
N PHE A 295 23.78 -17.42 0.90
CA PHE A 295 24.06 -17.75 2.30
C PHE A 295 25.01 -18.95 2.41
N LEU A 296 25.76 -18.97 3.50
CA LEU A 296 26.70 -20.06 3.74
C LEU A 296 25.95 -21.36 4.01
N GLU A 297 26.43 -22.45 3.39
CA GLU A 297 25.79 -23.74 3.50
C GLU A 297 26.85 -24.82 3.70
N HIS A 298 26.40 -25.99 4.15
CA HIS A 298 27.30 -27.12 4.40
C HIS A 298 27.02 -28.26 3.42
#